data_3M3Z
#
_entry.id   3M3Z
#
_cell.length_a   40.776
_cell.length_b   120.969
_cell.length_c   53.537
_cell.angle_alpha   90.00
_cell.angle_beta   106.78
_cell.angle_gamma   90.00
#
_symmetry.space_group_name_H-M   'P 1 21 1'
#
loop_
_entity.id
_entity.type
_entity.pdbx_description
1 polymer 'Heat shock cognate 71 kDa protein'
2 polymer 'BAG family molecular chaperone regulator 1'
3 non-polymer "5'-O-(2-amino-2-oxoethyl)-8-(methylamino)adenosine"
4 water water
#
loop_
_entity_poly.entity_id
_entity_poly.type
_entity_poly.pdbx_seq_one_letter_code
_entity_poly.pdbx_strand_id
1 'polypeptide(L)'
;YFQGPAVGIDLGTTYSCVGVFQHGKVEIIANDQGNRTTPSYVAFTDTERLIGDAAKNQVAMNPTNTVFDAKRLIGRRFDD
AVVQSDMKHWPFMVVNDAGRPKVQVEYKGETKSFYPEEVSSMVLTKMKEIAEAYLGKTVTNAVVTVPAYFNDSQRQATKD
AGTIAGLNVLRIINEPTAAAIAYGLDKKVGAERNVLIFDLGGGTFDVSILTIEDGIFEVKSTAGDTHLGGEDFDNRMVNH
FIAEFKRKHKKDISENKRAVRRLRTACERAKRTLSSSTQASIEIDSLYEGIDFYTSITRARFEELNADLFRGTLDPVEKA
LRDAKLDKSQIHDIVLVGGSTRIPKIQKLLQDFFNGKELNKSINPDEAVAYGAAVQAAILS
;
A
2 'polypeptide(L)'
;GNSPQEEVELKKLKHLEKSVEKIADQLEELNKELTGIQQGFLPKDLQAEALCKLDRRVKATIEQFMKILEEIDTLILPEN
FKDSRLKRKGLVKKVQAFLAECDTVEQNICQETE
;
B
#
# COMPACT_ATOMS: atom_id res chain seq x y z
N PRO A 5 -29.08 -3.74 2.53
CA PRO A 5 -27.73 -3.25 2.16
C PRO A 5 -26.67 -4.30 2.47
N ALA A 6 -25.99 -4.76 1.44
CA ALA A 6 -24.95 -5.79 1.63
C ALA A 6 -23.67 -5.38 0.89
N VAL A 7 -22.56 -5.35 1.62
CA VAL A 7 -21.29 -4.98 0.98
C VAL A 7 -20.40 -6.18 0.71
N GLY A 8 -19.57 -6.12 -0.34
CA GLY A 8 -18.39 -7.02 -0.42
C GLY A 8 -17.13 -6.36 0.07
N ILE A 9 -16.36 -7.06 0.90
CA ILE A 9 -15.07 -6.57 1.40
C ILE A 9 -13.90 -7.47 0.98
N ASP A 10 -12.94 -6.86 0.29
CA ASP A 10 -11.61 -7.45 0.05
C ASP A 10 -10.73 -7.04 1.25
N LEU A 11 -10.44 -7.98 2.13
CA LEU A 11 -9.60 -7.73 3.34
C LEU A 11 -8.20 -8.06 2.86
N GLY A 12 -7.52 -7.08 2.26
CA GLY A 12 -6.23 -7.33 1.65
C GLY A 12 -5.10 -7.17 2.66
N THR A 13 -3.92 -7.74 2.35
CA THR A 13 -2.75 -7.73 3.28
C THR A 13 -2.25 -6.30 3.61
N THR A 14 -2.17 -5.46 2.58
CA THR A 14 -1.69 -4.08 2.61
C THR A 14 -2.81 -3.10 2.41
N TYR A 15 -3.72 -3.40 1.48
CA TYR A 15 -4.91 -2.61 1.22
C TYR A 15 -6.22 -3.40 1.28
N SER A 16 -7.29 -2.76 1.81
CA SER A 16 -8.67 -3.27 1.74
C SER A 16 -9.64 -2.45 0.84
N CYS A 17 -10.80 -3.04 0.51
CA CYS A 17 -11.67 -2.42 -0.46
C CYS A 17 -13.09 -2.90 -0.19
N VAL A 18 -14.05 -1.97 -0.25
CA VAL A 18 -15.47 -2.27 -0.02
C VAL A 18 -16.31 -1.76 -1.19
N GLY A 19 -17.17 -2.64 -1.75
CA GLY A 19 -18.15 -2.26 -2.77
C GLY A 19 -19.58 -2.57 -2.33
N VAL A 20 -20.53 -1.95 -3.00
CA VAL A 20 -21.94 -2.19 -2.75
C VAL A 20 -22.51 -2.28 -4.17
N PHE A 21 -23.15 -3.40 -4.50
CA PHE A 21 -24.04 -3.47 -5.67
C PHE A 21 -25.37 -2.74 -5.45
N GLN A 22 -25.56 -1.61 -6.12
CA GLN A 22 -26.79 -0.80 -5.96
C GLN A 22 -27.09 -0.15 -7.31
N HIS A 23 -28.38 -0.06 -7.70
CA HIS A 23 -28.80 0.51 -9.02
C HIS A 23 -28.29 -0.23 -10.28
N GLY A 24 -28.13 -1.56 -10.19
CA GLY A 24 -27.61 -2.35 -11.30
C GLY A 24 -26.11 -2.28 -11.61
N LYS A 25 -25.31 -1.82 -10.64
CA LYS A 25 -23.91 -1.45 -10.86
C LYS A 25 -23.21 -1.53 -9.53
N VAL A 26 -22.02 -2.14 -9.48
CA VAL A 26 -21.27 -2.06 -8.20
C VAL A 26 -20.58 -0.70 -8.02
N GLU A 27 -20.75 -0.11 -6.84
CA GLU A 27 -20.03 1.11 -6.54
C GLU A 27 -18.95 0.83 -5.54
N ILE A 28 -17.69 0.92 -5.96
CA ILE A 28 -16.54 0.82 -5.06
C ILE A 28 -16.49 2.11 -4.24
N ILE A 29 -16.46 1.95 -2.93
CA ILE A 29 -16.73 3.07 -2.04
C ILE A 29 -15.43 3.69 -1.52
N ALA A 30 -15.33 5.01 -1.70
CA ALA A 30 -14.24 5.78 -1.21
C ALA A 30 -14.35 6.04 0.28
N ASN A 31 -13.19 6.12 0.94
CA ASN A 31 -13.17 6.37 2.39
C ASN A 31 -13.29 7.87 2.70
N ASP A 32 -13.11 8.26 3.97
CA ASP A 32 -13.24 9.66 4.36
C ASP A 32 -12.23 10.59 3.67
N GLN A 33 -11.11 10.00 3.17
CA GLN A 33 -10.07 10.71 2.39
C GLN A 33 -10.25 10.70 0.88
N GLY A 34 -11.29 10.02 0.38
CA GLY A 34 -11.52 9.88 -1.05
C GLY A 34 -10.74 8.75 -1.71
N ASN A 35 -10.18 7.85 -0.93
CA ASN A 35 -9.35 6.77 -1.49
C ASN A 35 -10.22 5.55 -1.70
N ARG A 36 -10.21 4.98 -2.88
CA ARG A 36 -11.08 3.85 -3.13
C ARG A 36 -10.57 2.53 -2.51
N THR A 37 -9.27 2.50 -2.13
CA THR A 37 -8.73 1.50 -1.22
C THR A 37 -8.27 2.12 0.11
N THR A 38 -8.18 1.29 1.14
CA THR A 38 -7.81 1.73 2.46
C THR A 38 -6.71 0.78 2.93
N PRO A 39 -5.56 1.35 3.41
CA PRO A 39 -4.46 0.62 4.09
C PRO A 39 -4.94 -0.24 5.24
N SER A 40 -4.50 -1.50 5.23
CA SER A 40 -4.85 -2.49 6.28
C SER A 40 -3.91 -2.26 7.47
N TYR A 41 -4.04 -1.07 8.08
CA TYR A 41 -3.11 -0.57 9.11
C TYR A 41 -3.94 -0.03 10.26
N VAL A 42 -3.49 -0.28 11.50
CA VAL A 42 -4.06 0.26 12.72
C VAL A 42 -2.91 0.82 13.55
N ALA A 43 -3.02 2.04 14.05
CA ALA A 43 -1.98 2.58 14.96
C ALA A 43 -2.50 2.86 16.38
N PHE A 44 -1.61 2.74 17.35
CA PHE A 44 -2.03 2.83 18.75
C PHE A 44 -1.43 4.07 19.42
N THR A 45 -2.30 4.91 19.97
CA THR A 45 -1.87 6.25 20.39
C THR A 45 -1.90 6.66 21.90
N ASP A 46 -1.33 7.84 22.22
CA ASP A 46 -1.48 8.42 23.56
C ASP A 46 -2.95 8.78 23.88
N THR A 47 -3.74 8.97 22.82
CA THR A 47 -5.10 9.48 22.96
C THR A 47 -6.20 8.67 22.26
N GLU A 48 -5.81 7.94 21.20
CA GLU A 48 -6.72 7.53 20.11
C GLU A 48 -6.21 6.24 19.43
N ARG A 49 -7.13 5.51 18.80
CA ARG A 49 -6.74 4.48 17.85
C ARG A 49 -7.02 4.94 16.40
N LEU A 50 -5.99 4.89 15.55
CA LEU A 50 -6.16 5.21 14.13
C LEU A 50 -6.18 3.96 13.21
N ILE A 51 -7.09 3.95 12.22
CA ILE A 51 -7.24 2.86 11.24
C ILE A 51 -7.19 3.43 9.78
N GLY A 52 -6.61 2.70 8.83
CA GLY A 52 -6.52 3.11 7.43
C GLY A 52 -5.40 4.11 7.09
N ASP A 53 -5.75 5.16 6.35
CA ASP A 53 -4.84 6.22 5.96
C ASP A 53 -4.18 6.95 7.13
N ALA A 54 -4.96 7.20 8.18
CA ALA A 54 -4.46 7.95 9.33
C ALA A 54 -3.32 7.17 9.88
N ALA A 55 -3.53 5.86 10.13
CA ALA A 55 -2.49 4.93 10.60
C ALA A 55 -1.27 4.77 9.69
N LYS A 56 -1.46 4.60 8.38
CA LYS A 56 -0.33 4.52 7.45
C LYS A 56 0.49 5.81 7.42
N ASN A 57 -0.22 6.94 7.48
CA ASN A 57 0.38 8.25 7.42
C ASN A 57 1.45 8.56 8.50
N GLN A 58 1.30 7.92 9.67
CA GLN A 58 2.18 8.07 10.84
C GLN A 58 3.03 6.83 11.25
N VAL A 59 3.21 5.91 10.30
CA VAL A 59 4.15 4.78 10.48
C VAL A 59 5.62 5.28 10.48
N ALA A 60 5.83 6.50 10.98
CA ALA A 60 7.20 6.97 11.27
C ALA A 60 7.27 7.50 12.70
N MET A 61 6.29 8.32 13.05
CA MET A 61 6.18 8.86 14.39
C MET A 61 5.99 7.76 15.45
N ASN A 62 5.29 6.67 15.08
CA ASN A 62 4.88 5.60 16.00
C ASN A 62 4.90 4.24 15.33
N PRO A 63 6.10 3.66 15.05
CA PRO A 63 6.19 2.40 14.25
C PRO A 63 6.06 1.11 15.08
N THR A 64 6.09 1.25 16.41
CA THR A 64 6.04 0.16 17.39
C THR A 64 4.59 -0.06 17.74
N ASN A 65 3.82 1.02 17.78
CA ASN A 65 2.38 0.88 17.91
C ASN A 65 1.61 0.99 16.55
N THR A 66 2.30 0.78 15.42
CA THR A 66 1.63 0.72 14.10
C THR A 66 1.76 -0.70 13.49
N VAL A 67 0.60 -1.37 13.31
CA VAL A 67 0.56 -2.77 12.88
C VAL A 67 0.05 -2.92 11.44
N PHE A 68 0.74 -3.69 10.62
CA PHE A 68 0.20 -4.07 9.31
C PHE A 68 0.36 -5.59 9.09
N ASP A 69 -0.08 -6.12 7.95
CA ASP A 69 0.37 -7.42 7.49
C ASP A 69 -0.18 -8.53 8.40
N ALA A 70 -1.24 -8.24 9.13
CA ALA A 70 -1.88 -9.17 10.08
C ALA A 70 -2.66 -10.30 9.39
N LYS A 71 -2.81 -10.18 8.08
CA LYS A 71 -3.29 -11.26 7.21
C LYS A 71 -2.20 -12.32 7.04
N ARG A 72 -0.94 -11.95 7.22
CA ARG A 72 0.13 -12.94 7.20
C ARG A 72 0.22 -13.78 8.49
N LEU A 73 -0.57 -13.42 9.50
CA LEU A 73 -0.52 -14.06 10.79
C LEU A 73 -1.84 -14.70 11.14
N ILE A 74 -2.92 -14.21 10.54
CA ILE A 74 -4.29 -14.57 10.94
C ILE A 74 -4.49 -16.12 10.81
N GLY A 75 -5.07 -16.74 11.83
CA GLY A 75 -5.27 -18.20 11.78
C GLY A 75 -4.04 -19.10 11.88
N ARG A 76 -2.85 -18.51 11.95
CA ARG A 76 -1.62 -19.26 11.99
C ARG A 76 -1.17 -19.46 13.45
N ARG A 77 -0.47 -20.57 13.67
CA ARG A 77 0.27 -20.84 14.93
C ARG A 77 1.56 -20.06 15.00
N PHE A 78 2.03 -19.79 16.22
CA PHE A 78 3.26 -19.05 16.45
C PHE A 78 4.49 -19.63 15.73
N ASP A 79 4.57 -20.98 15.65
CA ASP A 79 5.71 -21.68 14.99
C ASP A 79 5.51 -22.01 13.52
N ASP A 80 4.37 -21.58 12.96
CA ASP A 80 4.17 -21.61 11.53
C ASP A 80 5.44 -20.99 10.87
N ALA A 81 5.99 -21.68 9.87
CA ALA A 81 7.14 -21.23 9.09
C ALA A 81 7.00 -19.76 8.69
N VAL A 82 5.76 -19.35 8.35
CA VAL A 82 5.43 -17.99 7.92
C VAL A 82 5.42 -16.95 9.06
N VAL A 83 4.87 -17.29 10.22
CA VAL A 83 4.88 -16.35 11.37
C VAL A 83 6.32 -16.11 11.89
N GLN A 84 7.20 -17.08 11.67
CA GLN A 84 8.60 -16.93 12.06
C GLN A 84 9.33 -15.99 11.12
N SER A 85 9.23 -16.28 9.83
CA SER A 85 9.91 -15.57 8.72
C SER A 85 9.60 -14.06 8.65
N ASP A 86 8.31 -13.71 8.50
CA ASP A 86 7.85 -12.32 8.34
C ASP A 86 8.06 -11.48 9.60
N MET A 87 8.25 -12.17 10.72
CA MET A 87 8.26 -11.57 12.05
C MET A 87 9.41 -10.61 12.22
N LYS A 88 10.54 -10.99 11.61
CA LYS A 88 11.79 -10.25 11.75
C LYS A 88 11.68 -8.85 11.17
N HIS A 89 10.68 -8.64 10.29
CA HIS A 89 10.48 -7.38 9.51
C HIS A 89 9.32 -6.50 10.01
N TRP A 90 8.99 -6.66 11.29
CA TRP A 90 7.82 -6.04 11.92
C TRP A 90 8.21 -5.35 13.20
N PRO A 91 8.24 -4.01 13.19
CA PRO A 91 8.67 -3.23 14.32
C PRO A 91 7.72 -3.43 15.53
N PHE A 92 6.49 -3.86 15.25
CA PHE A 92 5.54 -4.20 16.32
C PHE A 92 5.89 -5.54 17.00
N MET A 93 5.40 -5.68 18.22
CA MET A 93 5.57 -6.91 19.01
C MET A 93 4.61 -8.00 18.60
N VAL A 94 5.21 -9.16 18.28
CA VAL A 94 4.55 -10.46 18.08
C VAL A 94 4.89 -11.40 19.30
N VAL A 95 4.04 -11.46 20.32
CA VAL A 95 4.24 -12.45 21.42
C VAL A 95 3.48 -13.77 21.26
N ASN A 96 3.91 -14.79 22.00
CA ASN A 96 3.34 -16.14 22.03
C ASN A 96 2.39 -16.31 23.22
N ASP A 97 1.11 -16.17 22.95
CA ASP A 97 0.10 -16.49 23.93
C ASP A 97 -0.37 -17.91 23.59
N ALA A 98 0.04 -18.87 24.42
CA ALA A 98 -0.35 -20.27 24.32
C ALA A 98 -0.26 -20.89 22.88
N GLY A 99 0.90 -20.70 22.22
CA GLY A 99 1.17 -21.16 20.85
C GLY A 99 0.56 -20.37 19.68
N ARG A 100 -0.13 -19.28 19.96
CA ARG A 100 -0.79 -18.49 18.92
C ARG A 100 -0.43 -17.04 19.12
N PRO A 101 0.03 -16.34 18.03
CA PRO A 101 0.52 -14.94 18.15
C PRO A 101 -0.56 -13.94 18.53
N LYS A 102 -0.30 -13.17 19.60
CA LYS A 102 -0.97 -11.90 19.87
C LYS A 102 0.02 -10.78 19.58
N VAL A 103 -0.47 -9.69 18.98
CA VAL A 103 0.29 -8.47 18.72
C VAL A 103 0.28 -7.59 19.99
N GLN A 104 1.46 -7.22 20.50
CA GLN A 104 1.47 -6.36 21.69
C GLN A 104 1.91 -4.93 21.39
N VAL A 105 1.19 -3.99 21.98
CA VAL A 105 1.43 -2.54 21.74
C VAL A 105 1.10 -1.69 22.99
N GLU A 106 1.45 -0.39 22.93
CA GLU A 106 1.05 0.62 23.93
C GLU A 106 -0.04 1.56 23.39
N TYR A 107 -1.11 1.73 24.17
CA TYR A 107 -2.34 2.41 23.71
C TYR A 107 -3.02 3.23 24.85
N LYS A 108 -3.01 4.56 24.71
CA LYS A 108 -3.25 5.47 25.82
C LYS A 108 -2.26 5.14 26.99
N GLY A 109 -0.99 4.85 26.63
CA GLY A 109 0.03 4.40 27.62
C GLY A 109 -0.16 3.09 28.42
N GLU A 110 -1.39 2.57 28.52
CA GLU A 110 -1.59 1.22 29.10
C GLU A 110 -1.21 0.18 28.06
N THR A 111 -0.48 -0.88 28.46
CA THR A 111 -0.01 -1.88 27.48
C THR A 111 -1.12 -2.83 27.02
N LYS A 112 -1.19 -3.07 25.72
CA LYS A 112 -2.28 -3.89 25.19
C LYS A 112 -1.80 -4.89 24.11
N SER A 113 -2.45 -6.06 24.07
CA SER A 113 -2.20 -7.10 23.03
C SER A 113 -3.49 -7.60 22.35
N PHE A 114 -3.34 -8.05 21.09
CA PHE A 114 -4.46 -8.52 20.26
C PHE A 114 -4.04 -9.71 19.40
N TYR A 115 -4.93 -10.71 19.32
CA TYR A 115 -4.82 -11.77 18.33
C TYR A 115 -5.08 -11.13 16.96
N PRO A 116 -4.51 -11.72 15.87
CA PRO A 116 -4.54 -11.09 14.54
C PRO A 116 -5.91 -10.68 14.02
N GLU A 117 -6.97 -11.26 14.59
CA GLU A 117 -8.30 -11.03 14.08
C GLU A 117 -9.05 -9.98 14.87
N GLU A 118 -8.50 -9.53 15.97
CA GLU A 118 -9.07 -8.36 16.66
C GLU A 118 -8.60 -7.09 15.92
N VAL A 119 -7.33 -7.19 15.51
CA VAL A 119 -6.61 -6.26 14.61
C VAL A 119 -7.23 -6.23 13.19
N SER A 120 -7.71 -7.38 12.71
CA SER A 120 -8.32 -7.46 11.40
C SER A 120 -9.78 -7.09 11.56
N SER A 121 -10.34 -7.30 12.76
CA SER A 121 -11.70 -6.81 12.99
C SER A 121 -11.77 -5.26 12.98
N MET A 122 -10.71 -4.61 13.48
CA MET A 122 -10.51 -3.13 13.41
C MET A 122 -10.50 -2.59 11.97
N VAL A 123 -9.67 -3.19 11.11
CA VAL A 123 -9.74 -2.92 9.67
C VAL A 123 -11.14 -3.09 9.10
N LEU A 124 -11.81 -4.18 9.44
CA LEU A 124 -13.19 -4.38 8.99
C LEU A 124 -14.20 -3.42 9.63
N THR A 125 -13.95 -3.01 10.88
CA THR A 125 -14.77 -1.88 11.44
C THR A 125 -14.63 -0.61 10.57
N LYS A 126 -13.40 -0.24 10.22
CA LYS A 126 -13.20 0.88 9.24
C LYS A 126 -13.95 0.68 7.95
N MET A 127 -13.89 -0.52 7.37
CA MET A 127 -14.48 -0.79 6.05
C MET A 127 -16.02 -0.75 6.08
N LYS A 128 -16.61 -1.17 7.21
CA LYS A 128 -18.03 -1.04 7.52
C LYS A 128 -18.47 0.43 7.64
N GLU A 129 -17.71 1.18 8.44
CA GLU A 129 -17.87 2.63 8.65
C GLU A 129 -17.76 3.44 7.38
N ILE A 130 -16.76 3.11 6.57
CA ILE A 130 -16.62 3.67 5.19
C ILE A 130 -17.88 3.53 4.36
N ALA A 131 -18.49 2.34 4.40
CA ALA A 131 -19.74 2.05 3.68
C ALA A 131 -20.94 2.81 4.28
N GLU A 132 -21.13 2.70 5.59
CA GLU A 132 -22.19 3.49 6.29
C GLU A 132 -22.10 5.03 6.09
N ALA A 133 -20.88 5.58 6.02
CA ALA A 133 -20.67 7.01 5.74
C ALA A 133 -21.12 7.33 4.35
N TYR A 134 -21.06 6.38 3.43
CA TYR A 134 -21.41 6.64 2.03
C TYR A 134 -22.92 6.50 1.75
N LEU A 135 -23.54 5.54 2.43
CA LEU A 135 -24.92 5.11 2.19
C LEU A 135 -25.86 5.81 3.17
N GLY A 136 -25.32 6.18 4.33
CA GLY A 136 -26.05 6.99 5.28
C GLY A 136 -27.05 6.09 5.92
N LYS A 137 -26.61 4.84 6.11
CA LYS A 137 -27.43 3.71 6.52
C LYS A 137 -26.58 2.77 7.34
N THR A 138 -27.24 1.94 8.15
CA THR A 138 -26.51 0.88 8.83
C THR A 138 -26.13 -0.24 7.84
N VAL A 139 -24.92 -0.75 8.00
CA VAL A 139 -24.43 -1.83 7.14
C VAL A 139 -24.02 -2.97 8.03
N THR A 140 -24.66 -4.13 7.86
CA THR A 140 -24.34 -5.28 8.71
C THR A 140 -23.91 -6.53 7.89
N ASN A 141 -24.57 -6.75 6.76
CA ASN A 141 -24.33 -7.90 5.88
C ASN A 141 -23.18 -7.63 4.91
N ALA A 142 -22.28 -8.61 4.80
CA ALA A 142 -21.02 -8.49 4.02
C ALA A 142 -20.56 -9.86 3.49
N VAL A 143 -20.01 -9.89 2.29
CA VAL A 143 -19.14 -10.97 1.97
C VAL A 143 -17.70 -10.49 2.21
N VAL A 144 -16.91 -11.33 2.90
CA VAL A 144 -15.45 -11.14 3.06
C VAL A 144 -14.70 -12.24 2.26
N THR A 145 -13.73 -11.83 1.42
CA THR A 145 -12.83 -12.75 0.70
C THR A 145 -11.53 -13.09 1.40
N VAL A 146 -10.96 -14.24 1.04
CA VAL A 146 -9.69 -14.73 1.58
C VAL A 146 -8.94 -15.36 0.42
N PRO A 147 -7.61 -15.53 0.59
CA PRO A 147 -6.84 -16.27 -0.42
C PRO A 147 -7.33 -17.74 -0.53
N ALA A 148 -7.27 -18.33 -1.73
CA ALA A 148 -7.67 -19.76 -1.96
C ALA A 148 -6.87 -20.75 -1.12
N TYR A 149 -5.60 -20.46 -0.90
CA TYR A 149 -4.77 -21.29 -0.06
C TYR A 149 -5.04 -21.17 1.47
N PHE A 150 -5.94 -20.28 1.94
CA PHE A 150 -6.34 -20.28 3.35
C PHE A 150 -6.92 -21.65 3.83
N ASN A 151 -6.48 -22.10 5.02
CA ASN A 151 -6.96 -23.33 5.62
C ASN A 151 -8.24 -23.09 6.38
N ASP A 152 -8.70 -24.08 7.13
CA ASP A 152 -9.91 -23.92 7.92
C ASP A 152 -9.69 -22.86 8.99
N SER A 153 -8.51 -22.85 9.64
CA SER A 153 -8.38 -21.92 10.78
C SER A 153 -8.18 -20.48 10.36
N GLN A 154 -7.55 -20.31 9.21
CA GLN A 154 -7.43 -19.01 8.58
C GLN A 154 -8.76 -18.43 8.13
N ARG A 155 -9.61 -19.25 7.45
CA ARG A 155 -11.01 -18.78 7.10
C ARG A 155 -11.86 -18.41 8.34
N GLN A 156 -11.77 -19.24 9.36
CA GLN A 156 -12.62 -19.06 10.53
C GLN A 156 -12.18 -17.86 11.36
N ALA A 157 -10.87 -17.56 11.39
CA ALA A 157 -10.34 -16.42 12.17
C ALA A 157 -10.66 -15.13 11.47
N THR A 158 -10.73 -15.20 10.13
CA THR A 158 -11.24 -14.14 9.26
C THR A 158 -12.73 -13.91 9.52
N LYS A 159 -13.55 -14.97 9.37
CA LYS A 159 -14.98 -14.87 9.67
C LYS A 159 -15.24 -14.16 10.99
N ASP A 160 -14.50 -14.58 12.01
CA ASP A 160 -14.59 -14.06 13.38
C ASP A 160 -14.22 -12.58 13.53
N ALA A 161 -13.10 -12.14 12.92
CA ALA A 161 -12.85 -10.71 12.66
C ALA A 161 -14.07 -9.94 12.16
N GLY A 162 -14.78 -10.47 11.18
CA GLY A 162 -15.99 -9.81 10.74
C GLY A 162 -17.06 -9.75 11.81
N THR A 163 -17.18 -10.82 12.61
CA THR A 163 -18.28 -10.96 13.57
C THR A 163 -18.04 -10.05 14.77
N ILE A 164 -16.79 -10.04 15.25
CA ILE A 164 -16.38 -9.12 16.30
C ILE A 164 -16.65 -7.69 15.86
N ALA A 165 -16.37 -7.37 14.60
CA ALA A 165 -16.54 -6.02 14.04
C ALA A 165 -18.00 -5.68 13.91
N GLY A 166 -18.87 -6.65 14.20
CA GLY A 166 -20.30 -6.45 14.11
C GLY A 166 -20.91 -6.79 12.76
N LEU A 167 -20.13 -7.45 11.90
CA LEU A 167 -20.65 -7.94 10.57
C LEU A 167 -21.36 -9.29 10.61
N ASN A 168 -22.48 -9.38 9.90
CA ASN A 168 -23.09 -10.66 9.53
C ASN A 168 -22.42 -11.13 8.26
N VAL A 169 -21.37 -11.90 8.42
CA VAL A 169 -20.58 -12.41 7.32
C VAL A 169 -21.42 -13.47 6.62
N LEU A 170 -21.95 -13.12 5.45
CA LEU A 170 -22.89 -14.01 4.72
C LEU A 170 -22.16 -15.20 4.14
N ARG A 171 -20.86 -15.01 3.87
CA ARG A 171 -19.99 -15.97 3.23
C ARG A 171 -18.56 -15.46 3.17
N ILE A 172 -17.63 -16.39 3.27
CA ILE A 172 -16.21 -16.19 3.02
C ILE A 172 -16.01 -16.77 1.64
N ILE A 173 -15.68 -15.90 0.69
CA ILE A 173 -15.46 -16.32 -0.71
C ILE A 173 -13.98 -16.17 -1.06
N ASN A 174 -13.45 -17.08 -1.86
CA ASN A 174 -12.03 -17.05 -2.22
C ASN A 174 -11.77 -15.86 -3.12
N GLU A 175 -10.63 -15.21 -2.91
CA GLU A 175 -10.27 -14.03 -3.73
C GLU A 175 -10.38 -14.20 -5.27
N PRO A 176 -9.81 -15.29 -5.87
CA PRO A 176 -9.90 -15.50 -7.30
C PRO A 176 -11.31 -15.92 -7.80
N THR A 177 -12.12 -16.51 -6.92
CA THR A 177 -13.55 -16.73 -7.18
C THR A 177 -14.32 -15.41 -7.30
N ALA A 178 -14.14 -14.50 -6.32
CA ALA A 178 -14.77 -13.15 -6.37
C ALA A 178 -14.39 -12.35 -7.64
N ALA A 179 -13.14 -12.41 -8.07
CA ALA A 179 -12.68 -11.76 -9.33
C ALA A 179 -13.25 -12.46 -10.58
N ALA A 180 -13.25 -13.81 -10.63
CA ALA A 180 -14.11 -14.50 -11.64
C ALA A 180 -15.58 -14.00 -11.63
N ILE A 181 -16.23 -14.00 -10.48
CA ILE A 181 -17.58 -13.43 -10.39
C ILE A 181 -17.63 -11.98 -10.97
N ALA A 182 -16.62 -11.17 -10.69
CA ALA A 182 -16.61 -9.78 -11.18
C ALA A 182 -16.85 -9.70 -12.67
N TYR A 183 -16.20 -10.58 -13.41
CA TYR A 183 -16.21 -10.62 -14.87
C TYR A 183 -17.36 -11.51 -15.40
N GLY A 184 -18.22 -11.97 -14.49
CA GLY A 184 -19.47 -12.68 -14.85
C GLY A 184 -19.08 -13.91 -15.61
N LEU A 185 -17.95 -14.50 -15.20
CA LEU A 185 -17.43 -15.70 -15.86
C LEU A 185 -18.29 -16.92 -15.55
N ASP A 186 -19.09 -16.80 -14.51
CA ASP A 186 -19.91 -17.87 -14.01
C ASP A 186 -21.30 -17.88 -14.63
N LYS A 187 -21.63 -16.83 -15.40
CA LYS A 187 -22.90 -16.72 -16.11
C LYS A 187 -22.73 -17.25 -17.55
N LYS A 188 -21.51 -17.62 -17.92
CA LYS A 188 -21.27 -18.18 -19.25
C LYS A 188 -21.96 -19.53 -19.41
N VAL A 189 -22.31 -19.87 -20.65
CA VAL A 189 -23.07 -21.09 -20.85
C VAL A 189 -22.37 -22.00 -21.86
N GLY A 190 -22.20 -23.25 -21.40
CA GLY A 190 -21.64 -24.31 -22.20
C GLY A 190 -21.01 -25.33 -21.26
N ALA A 191 -19.88 -25.86 -21.68
CA ALA A 191 -19.15 -26.85 -20.94
C ALA A 191 -18.33 -26.22 -19.79
N GLU A 192 -17.71 -27.10 -19.01
CA GLU A 192 -16.76 -26.75 -17.97
C GLU A 192 -15.60 -25.82 -18.48
N ARG A 193 -15.42 -24.71 -17.75
CA ARG A 193 -14.38 -23.69 -18.04
C ARG A 193 -13.21 -23.62 -17.07
N ASN A 194 -12.00 -23.63 -17.61
CA ASN A 194 -10.81 -23.47 -16.75
C ASN A 194 -10.36 -22.00 -16.70
N VAL A 195 -10.26 -21.45 -15.50
CA VAL A 195 -9.93 -20.04 -15.35
C VAL A 195 -8.58 -19.88 -14.65
N LEU A 196 -7.68 -19.13 -15.28
CA LEU A 196 -6.44 -18.72 -14.59
C LEU A 196 -6.55 -17.30 -14.07
N ILE A 197 -6.25 -17.13 -12.78
CA ILE A 197 -6.37 -15.83 -12.16
C ILE A 197 -4.96 -15.48 -11.74
N PHE A 198 -4.50 -14.35 -12.29
CA PHE A 198 -3.16 -13.85 -12.15
C PHE A 198 -3.21 -12.63 -11.25
N ASP A 199 -2.66 -12.76 -10.06
CA ASP A 199 -2.81 -11.70 -9.08
C ASP A 199 -1.42 -11.28 -8.58
N LEU A 200 -1.03 -10.10 -9.03
CA LEU A 200 0.29 -9.52 -8.72
C LEU A 200 0.04 -8.13 -8.21
N GLY A 201 0.29 -7.93 -6.93
CA GLY A 201 0.08 -6.64 -6.30
C GLY A 201 1.38 -5.94 -5.92
N GLY A 202 1.38 -5.29 -4.77
CA GLY A 202 2.52 -4.54 -4.29
C GLY A 202 3.56 -5.41 -3.65
N GLY A 203 3.11 -6.48 -3.01
CA GLY A 203 4.02 -7.33 -2.27
C GLY A 203 3.90 -8.83 -2.52
N THR A 204 2.72 -9.32 -2.93
CA THR A 204 2.58 -10.76 -3.24
C THR A 204 2.22 -11.06 -4.68
N PHE A 205 2.40 -12.32 -5.03
CA PHE A 205 2.01 -12.89 -6.30
C PHE A 205 1.33 -14.26 -6.13
N ASP A 206 0.08 -14.32 -6.53
CA ASP A 206 -0.71 -15.51 -6.35
C ASP A 206 -1.29 -15.96 -7.66
N VAL A 207 -1.02 -17.20 -8.07
CA VAL A 207 -1.72 -17.79 -9.25
C VAL A 207 -2.74 -18.86 -8.77
N SER A 208 -3.94 -18.82 -9.34
CA SER A 208 -5.03 -19.72 -8.97
C SER A 208 -5.71 -20.20 -10.25
N ILE A 209 -5.93 -21.52 -10.31
CA ILE A 209 -6.74 -22.10 -11.38
C ILE A 209 -8.02 -22.67 -10.77
N LEU A 210 -9.14 -22.18 -11.29
CA LEU A 210 -10.42 -22.68 -10.94
C LEU A 210 -11.06 -23.34 -12.16
N THR A 211 -11.89 -24.33 -11.88
CA THR A 211 -12.87 -24.77 -12.83
C THR A 211 -14.24 -24.19 -12.43
N ILE A 212 -15.02 -23.81 -13.44
CA ILE A 212 -16.39 -23.40 -13.26
C ILE A 212 -17.28 -24.21 -14.23
N GLU A 213 -18.18 -25.03 -13.66
CA GLU A 213 -19.32 -25.56 -14.43
C GLU A 213 -20.67 -25.23 -13.82
N ASP A 214 -21.58 -24.81 -14.71
CA ASP A 214 -22.99 -24.61 -14.36
C ASP A 214 -23.06 -23.57 -13.24
N GLY A 215 -22.20 -22.54 -13.31
CA GLY A 215 -22.05 -21.52 -12.27
C GLY A 215 -21.43 -22.00 -10.95
N ILE A 216 -20.86 -23.19 -10.94
CA ILE A 216 -20.30 -23.77 -9.72
C ILE A 216 -18.75 -23.78 -9.82
N PHE A 217 -18.07 -23.30 -8.77
CA PHE A 217 -16.61 -23.07 -8.77
C PHE A 217 -15.90 -24.18 -8.01
N GLU A 218 -14.71 -24.54 -8.49
CA GLU A 218 -13.81 -25.46 -7.78
C GLU A 218 -12.40 -24.95 -8.06
N VAL A 219 -11.63 -24.80 -7.01
CA VAL A 219 -10.16 -24.56 -7.04
C VAL A 219 -9.39 -25.85 -7.31
N LYS A 220 -8.64 -25.83 -8.42
CA LYS A 220 -7.80 -26.96 -8.90
C LYS A 220 -6.37 -26.87 -8.42
N SER A 221 -5.81 -25.67 -8.49
CA SER A 221 -4.48 -25.52 -7.93
C SER A 221 -4.18 -24.08 -7.61
N THR A 222 -3.03 -23.88 -6.98
CA THR A 222 -2.65 -22.63 -6.36
C THR A 222 -1.11 -22.56 -6.40
N ALA A 223 -0.58 -21.43 -6.85
CA ALA A 223 0.86 -21.19 -6.74
C ALA A 223 1.12 -19.70 -6.60
N GLY A 224 2.39 -19.31 -6.58
CA GLY A 224 2.75 -17.90 -6.56
C GLY A 224 4.07 -17.68 -5.87
N ASP A 225 4.35 -16.46 -5.44
CA ASP A 225 5.63 -16.14 -4.88
C ASP A 225 5.31 -15.13 -3.80
N THR A 226 5.38 -15.56 -2.55
CA THR A 226 4.94 -14.76 -1.38
C THR A 226 5.55 -13.38 -1.26
N HIS A 227 6.77 -13.23 -1.76
CA HIS A 227 7.48 -11.98 -1.75
C HIS A 227 8.06 -11.58 -3.16
N LEU A 228 7.20 -11.59 -4.19
CA LEU A 228 7.41 -10.84 -5.44
C LEU A 228 6.27 -9.90 -5.67
N GLY A 229 6.54 -8.60 -5.85
CA GLY A 229 5.52 -7.69 -6.31
C GLY A 229 6.08 -6.37 -6.77
N GLY A 230 5.21 -5.39 -6.92
CA GLY A 230 5.54 -4.04 -7.36
C GLY A 230 6.69 -3.40 -6.61
N GLU A 231 6.86 -3.67 -5.32
CA GLU A 231 8.01 -3.17 -4.57
C GLU A 231 9.31 -3.63 -5.18
N ASP A 232 9.32 -4.85 -5.72
CA ASP A 232 10.59 -5.39 -6.26
C ASP A 232 10.98 -4.68 -7.55
N PHE A 233 9.98 -4.27 -8.32
CA PHE A 233 10.22 -3.45 -9.51
C PHE A 233 10.79 -2.06 -9.08
N ASP A 234 10.27 -1.50 -7.99
CA ASP A 234 10.71 -0.16 -7.49
C ASP A 234 12.19 -0.15 -7.11
N ASN A 235 12.65 -1.17 -6.39
CA ASN A 235 14.05 -1.51 -6.14
C ASN A 235 14.97 -1.56 -7.38
N ARG A 236 14.51 -2.27 -8.41
CA ARG A 236 15.28 -2.34 -9.64
C ARG A 236 15.50 -0.90 -10.18
N MET A 237 14.48 -0.05 -10.11
CA MET A 237 14.63 1.36 -10.60
C MET A 237 15.55 2.17 -9.70
N VAL A 238 15.39 1.97 -8.40
CA VAL A 238 16.20 2.68 -7.41
C VAL A 238 17.70 2.38 -7.61
N ASN A 239 18.07 1.12 -7.79
CA ASN A 239 19.48 0.77 -7.96
C ASN A 239 20.05 1.31 -9.25
N HIS A 240 19.20 1.33 -10.26
CA HIS A 240 19.48 1.86 -11.57
C HIS A 240 19.80 3.35 -11.46
N PHE A 241 18.94 4.10 -10.73
CA PHE A 241 19.17 5.54 -10.48
C PHE A 241 20.29 5.96 -9.50
N ILE A 242 20.44 5.21 -8.39
CA ILE A 242 21.63 5.28 -7.53
C ILE A 242 22.96 5.05 -8.29
N ALA A 243 23.02 4.05 -9.16
CA ALA A 243 24.20 3.86 -10.03
C ALA A 243 24.42 5.03 -10.99
N GLU A 244 23.35 5.58 -11.54
CA GLU A 244 23.41 6.76 -12.43
C GLU A 244 23.95 8.03 -11.67
N PHE A 245 23.48 8.25 -10.45
CA PHE A 245 23.96 9.37 -9.66
C PHE A 245 25.49 9.20 -9.39
N LYS A 246 25.91 7.95 -9.14
CA LYS A 246 27.32 7.62 -8.86
C LYS A 246 28.16 7.94 -10.12
N ARG A 247 27.60 7.59 -11.27
CA ARG A 247 28.29 7.78 -12.55
C ARG A 247 28.45 9.23 -12.95
N LYS A 248 27.39 10.01 -12.79
CA LYS A 248 27.44 11.43 -13.13
C LYS A 248 28.07 12.27 -12.07
N HIS A 249 27.98 11.83 -10.82
CA HIS A 249 28.33 12.76 -9.73
C HIS A 249 29.42 12.29 -8.77
N LYS A 250 29.85 11.03 -8.90
CA LYS A 250 30.80 10.46 -7.96
C LYS A 250 30.31 10.61 -6.51
N LYS A 251 28.99 10.70 -6.29
CA LYS A 251 28.45 10.62 -4.92
C LYS A 251 27.63 9.36 -4.74
N ASP A 252 27.75 8.78 -3.57
CA ASP A 252 26.92 7.68 -3.15
C ASP A 252 25.76 8.19 -2.25
N ILE A 253 24.55 8.29 -2.83
CA ILE A 253 23.34 8.74 -2.07
C ILE A 253 22.78 7.70 -1.11
N SER A 254 23.17 6.44 -1.32
CA SER A 254 22.47 5.27 -0.73
C SER A 254 22.47 5.17 0.81
N GLU A 255 23.35 5.90 1.47
CA GLU A 255 23.35 5.97 2.91
C GLU A 255 22.51 7.14 3.42
N ASN A 256 22.01 7.97 2.51
CA ASN A 256 21.12 9.04 2.91
C ASN A 256 19.65 8.66 2.77
N LYS A 257 18.99 8.39 3.91
CA LYS A 257 17.69 7.68 3.92
C LYS A 257 16.64 8.54 3.28
N ARG A 258 16.79 9.85 3.44
CA ARG A 258 15.82 10.79 2.94
C ARG A 258 15.93 11.02 1.43
N ALA A 259 17.15 10.95 0.88
CA ALA A 259 17.39 10.90 -0.57
C ALA A 259 16.81 9.64 -1.20
N VAL A 260 17.09 8.52 -0.55
CA VAL A 260 16.76 7.20 -1.05
C VAL A 260 15.23 7.20 -1.13
N ARG A 261 14.58 7.67 -0.09
CA ARG A 261 13.10 7.82 -0.05
C ARG A 261 12.50 8.72 -1.12
N ARG A 262 12.98 9.95 -1.21
CA ARG A 262 12.68 10.79 -2.36
C ARG A 262 12.84 10.07 -3.72
N LEU A 263 13.99 9.42 -3.93
CA LEU A 263 14.15 8.62 -5.16
C LEU A 263 13.11 7.49 -5.26
N ARG A 264 13.00 6.62 -4.25
CA ARG A 264 12.00 5.52 -4.29
C ARG A 264 10.57 5.99 -4.65
N THR A 265 10.07 7.02 -3.95
CA THR A 265 8.75 7.58 -4.22
C THR A 265 8.54 8.03 -5.65
N ALA A 266 9.59 8.64 -6.22
CA ALA A 266 9.56 9.13 -7.58
C ALA A 266 9.67 7.95 -8.53
N CYS A 267 10.48 6.93 -8.17
CA CYS A 267 10.49 5.61 -8.89
C CYS A 267 9.15 4.88 -9.02
N GLU A 268 8.46 4.70 -7.90
CA GLU A 268 7.15 4.05 -7.91
C GLU A 268 6.13 4.84 -8.78
N ARG A 269 6.24 6.18 -8.74
CA ARG A 269 5.29 7.04 -9.48
C ARG A 269 5.57 7.09 -10.98
N ALA A 270 6.86 7.16 -11.32
CA ALA A 270 7.40 6.91 -12.68
C ALA A 270 7.01 5.56 -13.25
N LYS A 271 7.12 4.49 -12.47
CA LYS A 271 6.60 3.19 -12.89
C LYS A 271 5.14 3.20 -13.31
N ARG A 272 4.30 3.89 -12.55
CA ARG A 272 2.89 4.00 -12.86
C ARG A 272 2.66 4.70 -14.18
N THR A 273 3.24 5.89 -14.34
CA THR A 273 3.32 6.63 -15.62
C THR A 273 3.71 5.76 -16.81
N LEU A 274 4.70 4.89 -16.60
CA LEU A 274 5.14 3.92 -17.62
C LEU A 274 4.20 2.78 -17.98
N SER A 275 3.03 2.71 -17.35
CA SER A 275 2.03 1.68 -17.69
C SER A 275 1.12 2.25 -18.79
N SER A 276 1.09 3.57 -18.93
CA SER A 276 0.32 4.22 -20.01
C SER A 276 1.04 5.21 -20.95
N SER A 277 2.34 5.41 -20.75
CA SER A 277 3.17 6.12 -21.69
C SER A 277 4.55 5.54 -21.69
N THR A 278 5.31 5.87 -22.71
CA THR A 278 6.51 5.10 -22.98
C THR A 278 7.76 5.72 -22.39
N GLN A 279 7.57 6.80 -21.62
CA GLN A 279 8.68 7.52 -20.95
C GLN A 279 8.15 8.33 -19.75
N ALA A 280 8.99 8.45 -18.73
CA ALA A 280 8.66 9.10 -17.47
C ALA A 280 9.85 10.02 -17.16
N SER A 281 9.58 11.27 -16.80
CA SER A 281 10.60 12.22 -16.39
C SER A 281 10.53 12.41 -14.92
N ILE A 282 11.71 12.63 -14.31
CA ILE A 282 11.84 12.92 -12.89
C ILE A 282 12.76 14.13 -12.70
N GLU A 283 12.27 15.09 -11.93
CA GLU A 283 13.11 16.13 -11.34
C GLU A 283 13.04 16.19 -9.83
N ILE A 284 14.16 15.89 -9.18
CA ILE A 284 14.33 16.09 -7.73
C ILE A 284 15.37 17.20 -7.44
N ASP A 285 14.91 18.38 -7.00
CA ASP A 285 15.91 19.42 -6.67
C ASP A 285 16.62 19.01 -5.39
N SER A 286 17.94 19.18 -5.37
CA SER A 286 18.71 19.12 -4.13
C SER A 286 18.61 17.74 -3.48
N LEU A 287 18.83 16.72 -4.29
CA LEU A 287 18.61 15.34 -3.83
C LEU A 287 19.66 14.88 -2.78
N TYR A 288 20.94 15.20 -3.06
CA TYR A 288 22.09 14.76 -2.26
C TYR A 288 23.25 15.74 -2.38
N GLU A 289 23.76 16.16 -1.23
CA GLU A 289 24.77 17.24 -1.18
C GLU A 289 24.45 18.44 -2.03
N GLY A 290 23.15 18.75 -2.06
CA GLY A 290 22.70 19.93 -2.75
C GLY A 290 22.64 19.75 -4.25
N ILE A 291 22.82 18.53 -4.74
CA ILE A 291 22.88 18.27 -6.18
C ILE A 291 21.49 17.87 -6.74
N ASP A 292 21.00 18.62 -7.73
CA ASP A 292 19.74 18.26 -8.42
C ASP A 292 19.91 16.98 -9.22
N PHE A 293 18.85 16.17 -9.23
CA PHE A 293 18.82 14.94 -10.02
C PHE A 293 17.62 14.94 -10.95
N TYR A 294 17.89 15.26 -12.22
CA TYR A 294 16.92 15.30 -13.31
C TYR A 294 17.26 14.16 -14.23
N THR A 295 16.24 13.40 -14.55
CA THR A 295 16.46 12.18 -15.28
C THR A 295 15.14 11.77 -15.90
N SER A 296 15.19 10.77 -16.77
CA SER A 296 14.03 10.17 -17.35
C SER A 296 14.30 8.68 -17.51
N ILE A 297 13.25 7.93 -17.76
CA ILE A 297 13.39 6.51 -17.94
C ILE A 297 12.41 6.07 -19.02
N THR A 298 12.90 5.32 -20.01
CA THR A 298 11.94 4.75 -20.93
C THR A 298 11.19 3.54 -20.34
N ARG A 299 10.00 3.29 -20.85
CA ARG A 299 9.40 1.98 -20.72
C ARG A 299 10.32 0.80 -21.02
N ALA A 300 11.04 0.77 -22.16
CA ALA A 300 11.94 -0.38 -22.41
C ALA A 300 13.07 -0.52 -21.38
N ARG A 301 13.61 0.61 -20.94
CA ARG A 301 14.61 0.59 -19.87
C ARG A 301 14.04 0.01 -18.60
N PHE A 302 12.81 0.40 -18.24
CA PHE A 302 12.12 -0.14 -17.08
C PHE A 302 11.98 -1.70 -17.13
N GLU A 303 11.57 -2.19 -18.30
CA GLU A 303 11.38 -3.57 -18.59
C GLU A 303 12.65 -4.38 -18.55
N GLU A 304 13.68 -3.83 -19.17
CA GLU A 304 14.99 -4.39 -19.11
C GLU A 304 15.51 -4.56 -17.68
N LEU A 305 15.31 -3.52 -16.87
CA LEU A 305 15.67 -3.62 -15.42
C LEU A 305 14.99 -4.79 -14.71
N ASN A 306 13.81 -5.14 -15.23
CA ASN A 306 12.89 -6.05 -14.55
C ASN A 306 12.70 -7.36 -15.25
N ALA A 307 13.53 -7.63 -16.26
CA ALA A 307 13.26 -8.68 -17.28
C ALA A 307 13.13 -10.08 -16.69
N ASP A 308 14.00 -10.41 -15.76
CA ASP A 308 14.00 -11.70 -15.06
C ASP A 308 12.81 -11.91 -14.07
N LEU A 309 12.46 -10.86 -13.31
CA LEU A 309 11.27 -10.83 -12.46
C LEU A 309 9.95 -10.99 -13.26
N PHE A 310 9.85 -10.29 -14.38
CA PHE A 310 8.65 -10.39 -15.17
C PHE A 310 8.52 -11.83 -15.74
N ARG A 311 9.47 -12.26 -16.58
CA ARG A 311 9.46 -13.60 -17.12
C ARG A 311 9.13 -14.59 -16.03
N GLY A 312 9.76 -14.42 -14.89
CA GLY A 312 9.60 -15.36 -13.81
C GLY A 312 8.23 -15.49 -13.20
N THR A 313 7.35 -14.51 -13.45
CA THR A 313 5.97 -14.63 -12.93
C THR A 313 5.32 -15.86 -13.62
N LEU A 314 6.01 -16.40 -14.64
CA LEU A 314 5.44 -17.51 -15.45
C LEU A 314 5.70 -18.86 -14.81
N ASP A 315 6.74 -18.97 -13.99
CA ASP A 315 6.99 -20.21 -13.28
C ASP A 315 5.86 -20.67 -12.33
N PRO A 316 5.32 -19.79 -11.43
CA PRO A 316 4.07 -20.12 -10.72
C PRO A 316 2.89 -20.51 -11.61
N VAL A 317 2.78 -19.90 -12.79
CA VAL A 317 1.77 -20.28 -13.79
C VAL A 317 1.90 -21.76 -14.24
N GLU A 318 3.13 -22.21 -14.51
CA GLU A 318 3.36 -23.52 -15.09
C GLU A 318 3.27 -24.49 -13.97
N LYS A 319 3.70 -24.05 -12.79
CA LYS A 319 3.53 -24.87 -11.60
C LYS A 319 2.04 -25.10 -11.42
N ALA A 320 1.22 -24.04 -11.49
CA ALA A 320 -0.23 -24.13 -11.34
C ALA A 320 -0.93 -25.03 -12.38
N LEU A 321 -0.52 -24.95 -13.66
CA LEU A 321 -1.13 -25.75 -14.73
C LEU A 321 -0.84 -27.23 -14.42
N ARG A 322 0.39 -27.51 -14.04
CA ARG A 322 0.86 -28.87 -13.80
C ARG A 322 0.07 -29.54 -12.69
N ASP A 323 -0.07 -28.81 -11.59
CA ASP A 323 -0.74 -29.27 -10.35
C ASP A 323 -2.22 -29.49 -10.56
N ALA A 324 -2.77 -28.82 -11.58
CA ALA A 324 -4.19 -28.91 -11.96
C ALA A 324 -4.41 -29.93 -13.08
N LYS A 325 -3.29 -30.33 -13.69
CA LYS A 325 -3.21 -31.28 -14.78
C LYS A 325 -3.92 -30.77 -16.01
N LEU A 326 -3.65 -29.50 -16.31
CA LEU A 326 -4.11 -28.86 -17.53
C LEU A 326 -2.93 -28.42 -18.35
N ASP A 327 -3.13 -28.36 -19.66
CA ASP A 327 -2.19 -27.73 -20.58
C ASP A 327 -2.67 -26.29 -20.78
N LYS A 328 -1.76 -25.38 -21.16
CA LYS A 328 -2.10 -23.96 -21.23
C LYS A 328 -3.23 -23.67 -22.23
N SER A 329 -3.48 -24.72 -23.03
CA SER A 329 -4.43 -24.69 -24.14
C SER A 329 -5.85 -24.83 -23.62
N GLN A 330 -5.95 -25.53 -22.49
CA GLN A 330 -7.22 -25.85 -21.85
C GLN A 330 -7.70 -24.71 -20.94
N ILE A 331 -7.01 -23.56 -20.89
CA ILE A 331 -7.49 -22.42 -20.08
C ILE A 331 -8.33 -21.51 -20.94
N HIS A 332 -9.59 -21.35 -20.55
CA HIS A 332 -10.60 -20.52 -21.23
C HIS A 332 -10.55 -19.01 -20.90
N ASP A 333 -10.15 -18.68 -19.68
CA ASP A 333 -10.13 -17.30 -19.23
C ASP A 333 -8.99 -17.06 -18.27
N ILE A 334 -8.48 -15.84 -18.38
CA ILE A 334 -7.37 -15.33 -17.58
C ILE A 334 -7.84 -13.99 -17.00
N VAL A 335 -7.65 -13.83 -15.70
CA VAL A 335 -8.16 -12.67 -14.98
C VAL A 335 -7.02 -12.01 -14.25
N LEU A 336 -6.91 -10.69 -14.43
CA LEU A 336 -5.85 -9.92 -13.82
C LEU A 336 -6.31 -9.21 -12.60
N VAL A 337 -5.58 -9.41 -11.50
CA VAL A 337 -5.85 -8.62 -10.30
C VAL A 337 -4.54 -8.11 -9.59
N GLY A 338 -4.64 -7.03 -8.83
CA GLY A 338 -3.46 -6.44 -8.18
C GLY A 338 -2.96 -5.33 -9.10
N GLY A 339 -2.54 -4.22 -8.54
CA GLY A 339 -2.22 -3.05 -9.33
C GLY A 339 -1.02 -3.20 -10.23
N SER A 340 -0.07 -4.07 -9.89
CA SER A 340 1.07 -4.36 -10.75
C SER A 340 0.75 -5.03 -12.07
N THR A 341 -0.46 -5.62 -12.22
CA THR A 341 -0.82 -6.28 -13.49
C THR A 341 -1.06 -5.24 -14.59
N ARG A 342 -1.05 -3.97 -14.18
CA ARG A 342 -1.15 -2.83 -15.08
C ARG A 342 0.05 -2.67 -16.05
N ILE A 343 1.15 -3.38 -15.80
CA ILE A 343 2.39 -3.21 -16.55
C ILE A 343 2.26 -3.90 -17.94
N PRO A 344 2.35 -3.13 -19.06
CA PRO A 344 2.07 -3.72 -20.38
C PRO A 344 2.87 -4.97 -20.70
N LYS A 345 4.11 -5.05 -20.19
CA LYS A 345 5.00 -6.17 -20.40
C LYS A 345 4.57 -7.51 -19.77
N ILE A 346 4.13 -7.44 -18.52
CA ILE A 346 3.48 -8.55 -17.84
C ILE A 346 2.23 -9.06 -18.56
N GLN A 347 1.35 -8.16 -18.96
CA GLN A 347 0.20 -8.50 -19.83
C GLN A 347 0.57 -9.25 -21.12
N LYS A 348 1.75 -8.91 -21.65
CA LYS A 348 2.22 -9.38 -22.94
C LYS A 348 2.99 -10.69 -22.77
N LEU A 349 3.79 -10.82 -21.72
CA LEU A 349 4.40 -12.10 -21.38
C LEU A 349 3.35 -13.22 -21.19
N LEU A 350 2.22 -12.84 -20.61
CA LEU A 350 1.19 -13.76 -20.17
C LEU A 350 0.28 -14.06 -21.36
N GLN A 351 -0.14 -12.99 -22.04
CA GLN A 351 -0.93 -13.09 -23.25
C GLN A 351 -0.22 -13.75 -24.45
N ASP A 352 1.07 -14.06 -24.31
CA ASP A 352 1.88 -14.78 -25.31
C ASP A 352 2.32 -16.16 -24.78
N PHE A 353 2.02 -16.39 -23.51
CA PHE A 353 2.19 -17.71 -22.93
C PHE A 353 0.96 -18.49 -23.36
N PHE A 354 -0.17 -17.81 -23.32
CA PHE A 354 -1.43 -18.31 -23.84
C PHE A 354 -1.55 -17.80 -25.24
N ASN A 355 -0.61 -18.27 -26.06
CA ASN A 355 -0.60 -18.13 -27.51
C ASN A 355 -1.60 -17.14 -28.10
N GLY A 356 -1.50 -15.89 -27.67
CA GLY A 356 -2.21 -14.79 -28.33
C GLY A 356 -3.52 -14.49 -27.67
N LYS A 357 -3.85 -15.33 -26.68
CA LYS A 357 -5.08 -15.27 -25.89
C LYS A 357 -5.14 -14.02 -25.02
N GLU A 358 -6.28 -13.34 -25.13
CA GLU A 358 -6.60 -12.11 -24.40
C GLU A 358 -6.99 -12.28 -22.92
N LEU A 359 -7.51 -11.21 -22.30
CA LEU A 359 -7.55 -11.15 -20.83
C LEU A 359 -8.57 -10.20 -20.31
N ASN A 360 -9.15 -10.62 -19.18
CA ASN A 360 -10.14 -9.89 -18.45
C ASN A 360 -9.37 -8.97 -17.54
N LYS A 361 -9.41 -7.69 -17.89
CA LYS A 361 -8.60 -6.67 -17.24
C LYS A 361 -9.35 -5.38 -17.17
N SER A 362 -10.48 -5.30 -17.85
CA SER A 362 -11.23 -4.05 -17.93
C SER A 362 -11.65 -3.44 -16.58
N ILE A 363 -11.76 -4.29 -15.58
CA ILE A 363 -12.05 -3.85 -14.20
C ILE A 363 -10.71 -3.50 -13.51
N ASN A 364 -10.68 -2.37 -12.84
CA ASN A 364 -9.55 -1.91 -12.05
C ASN A 364 -9.04 -3.12 -11.24
N PRO A 365 -7.78 -3.56 -11.48
CA PRO A 365 -7.29 -4.83 -10.91
C PRO A 365 -7.16 -4.80 -9.37
N ASP A 366 -7.18 -3.60 -8.79
CA ASP A 366 -7.17 -3.39 -7.33
C ASP A 366 -8.59 -3.51 -6.76
N GLU A 367 -9.62 -3.28 -7.60
CA GLU A 367 -11.01 -3.30 -7.18
C GLU A 367 -11.84 -4.58 -7.60
N ALA A 368 -11.29 -5.42 -8.48
CA ALA A 368 -11.98 -6.62 -9.01
C ALA A 368 -12.48 -7.55 -7.92
N VAL A 369 -11.66 -7.82 -6.91
CA VAL A 369 -12.08 -8.71 -5.80
C VAL A 369 -13.26 -8.20 -4.96
N ALA A 370 -13.20 -6.94 -4.53
CA ALA A 370 -14.28 -6.29 -3.80
C ALA A 370 -15.51 -6.19 -4.68
N TYR A 371 -15.28 -5.96 -5.98
CA TYR A 371 -16.35 -5.91 -7.00
C TYR A 371 -17.21 -7.20 -7.00
N GLY A 372 -16.55 -8.37 -7.17
CA GLY A 372 -17.15 -9.71 -7.11
C GLY A 372 -17.77 -10.03 -5.75
N ALA A 373 -17.09 -9.75 -4.63
CA ALA A 373 -17.70 -9.78 -3.28
C ALA A 373 -19.05 -9.04 -3.08
N ALA A 374 -19.15 -7.87 -3.73
CA ALA A 374 -20.30 -6.99 -3.64
C ALA A 374 -21.49 -7.54 -4.44
N VAL A 375 -21.18 -8.08 -5.62
CA VAL A 375 -22.13 -8.78 -6.53
C VAL A 375 -22.65 -10.02 -5.82
N GLN A 376 -21.73 -10.80 -5.23
CA GLN A 376 -22.06 -11.96 -4.38
C GLN A 376 -22.97 -11.64 -3.20
N ALA A 377 -22.68 -10.58 -2.46
CA ALA A 377 -23.36 -10.23 -1.20
C ALA A 377 -24.81 -9.74 -1.45
N ALA A 378 -25.03 -9.18 -2.65
CA ALA A 378 -26.31 -8.67 -3.12
C ALA A 378 -27.21 -9.84 -3.55
N ILE A 379 -26.60 -10.83 -4.19
CA ILE A 379 -27.22 -12.12 -4.49
C ILE A 379 -27.62 -12.85 -3.17
N LEU A 380 -26.78 -12.77 -2.17
CA LEU A 380 -26.99 -13.49 -0.92
C LEU A 380 -27.89 -12.84 0.12
N SER A 381 -28.19 -11.56 -0.10
CA SER A 381 -28.93 -10.76 0.87
C SER A 381 -30.44 -10.76 0.64
N GLY B 1 9.49 35.86 -21.00
CA GLY B 1 8.50 35.06 -21.81
C GLY B 1 7.25 34.54 -21.08
N ASN B 2 6.92 35.21 -19.95
CA ASN B 2 5.83 34.86 -19.00
C ASN B 2 4.55 34.33 -19.64
N SER B 3 4.24 33.06 -19.38
CA SER B 3 3.09 32.39 -19.99
C SER B 3 2.00 32.08 -18.96
N PRO B 4 0.73 31.96 -19.42
CA PRO B 4 -0.42 31.51 -18.64
C PRO B 4 -0.12 30.27 -17.82
N GLN B 5 0.45 29.26 -18.46
CA GLN B 5 0.81 27.95 -17.91
C GLN B 5 1.81 28.00 -16.75
N GLU B 6 2.80 28.87 -16.78
CA GLU B 6 3.65 28.98 -15.61
C GLU B 6 2.89 29.42 -14.35
N GLU B 7 1.79 30.16 -14.51
CA GLU B 7 0.97 30.66 -13.40
C GLU B 7 0.39 29.56 -12.51
N VAL B 8 -0.06 28.50 -13.16
CA VAL B 8 -0.51 27.22 -12.53
C VAL B 8 0.59 26.66 -11.61
N GLU B 9 1.80 26.55 -12.15
CA GLU B 9 2.93 26.07 -11.41
C GLU B 9 3.30 26.95 -10.27
N LEU B 10 3.36 28.26 -10.51
CA LEU B 10 3.68 29.22 -9.42
C LEU B 10 2.65 29.21 -8.30
N LYS B 11 1.39 29.00 -8.64
CA LYS B 11 0.34 28.86 -7.62
C LYS B 11 0.43 27.57 -6.79
N LYS B 12 0.79 26.46 -7.43
CA LYS B 12 1.14 25.25 -6.71
C LYS B 12 2.24 25.47 -5.72
N LEU B 13 3.32 26.13 -6.18
CA LEU B 13 4.52 26.34 -5.38
C LEU B 13 4.22 27.22 -4.14
N LYS B 14 3.35 28.21 -4.31
CA LYS B 14 2.94 29.10 -3.22
C LYS B 14 2.08 28.42 -2.17
N HIS B 15 1.19 27.55 -2.60
CA HIS B 15 0.43 26.76 -1.63
C HIS B 15 1.39 25.85 -0.87
N LEU B 16 2.38 25.26 -1.56
CA LEU B 16 3.44 24.50 -0.87
C LEU B 16 4.25 25.35 0.11
N GLU B 17 4.53 26.60 -0.26
CA GLU B 17 5.26 27.57 0.59
C GLU B 17 4.54 27.85 1.89
N LYS B 18 3.22 27.93 1.83
CA LYS B 18 2.39 28.13 3.02
C LYS B 18 2.28 26.91 3.96
N SER B 19 2.15 25.73 3.38
CA SER B 19 2.28 24.49 4.11
C SER B 19 3.57 24.45 4.92
N VAL B 20 4.68 24.72 4.22
CA VAL B 20 5.99 24.81 4.85
C VAL B 20 5.99 25.72 6.10
N GLU B 21 5.37 26.90 5.96
CA GLU B 21 5.24 27.88 7.03
C GLU B 21 4.48 27.33 8.24
N LYS B 22 3.43 26.55 8.01
CA LYS B 22 2.69 25.84 9.07
C LYS B 22 3.58 24.87 9.84
N ILE B 23 4.35 24.05 9.10
CA ILE B 23 5.27 23.15 9.74
C ILE B 23 6.40 23.88 10.46
N ALA B 24 6.95 24.94 9.86
CA ALA B 24 8.02 25.68 10.49
C ALA B 24 7.53 26.24 11.83
N ASP B 25 6.30 26.75 11.85
CA ASP B 25 5.63 27.23 13.06
C ASP B 25 5.54 26.15 14.12
N GLN B 26 5.11 24.95 13.71
CA GLN B 26 5.20 23.75 14.57
C GLN B 26 6.58 23.49 15.14
N LEU B 27 7.62 23.72 14.34
CA LEU B 27 9.02 23.54 14.80
C LEU B 27 9.40 24.63 15.79
N GLU B 28 8.93 25.85 15.51
CA GLU B 28 9.19 26.96 16.42
C GLU B 28 8.51 26.76 17.75
N GLU B 29 7.26 26.32 17.73
CA GLU B 29 6.55 25.94 18.94
C GLU B 29 7.21 24.80 19.79
N LEU B 30 7.73 23.76 19.10
CA LEU B 30 8.55 22.69 19.64
C LEU B 30 9.80 23.15 20.38
N ASN B 31 10.54 24.02 19.72
CA ASN B 31 11.73 24.58 20.30
C ASN B 31 11.40 25.40 21.55
N LYS B 32 10.30 26.14 21.53
CA LYS B 32 9.92 27.02 22.62
C LYS B 32 9.51 26.21 23.85
N GLU B 33 8.75 25.14 23.62
CA GLU B 33 8.32 24.27 24.70
C GLU B 33 9.50 23.56 25.36
N LEU B 34 10.39 23.03 24.51
CA LEU B 34 11.69 22.40 24.87
C LEU B 34 12.57 23.20 25.83
N THR B 35 12.85 24.44 25.42
CA THR B 35 13.54 25.42 26.26
C THR B 35 12.82 25.58 27.59
N GLY B 36 11.48 25.68 27.57
CA GLY B 36 10.68 25.69 28.80
C GLY B 36 10.88 24.45 29.66
N ILE B 37 10.84 23.29 29.02
CA ILE B 37 10.88 21.99 29.70
C ILE B 37 12.23 21.73 30.44
N GLN B 38 13.35 22.03 29.78
CA GLN B 38 14.66 22.00 30.44
C GLN B 38 14.79 23.10 31.52
N GLN B 39 13.68 23.34 32.22
CA GLN B 39 13.51 24.28 33.34
C GLN B 39 13.01 23.40 34.49
N GLY B 40 13.90 22.52 34.95
CA GLY B 40 13.55 21.37 35.80
C GLY B 40 12.93 21.52 37.20
N PHE B 41 11.65 21.86 37.25
CA PHE B 41 10.86 21.69 38.49
C PHE B 41 10.32 20.26 38.48
N LEU B 42 10.18 19.71 37.27
CA LEU B 42 9.72 18.35 37.08
C LEU B 42 10.79 17.31 37.48
N PRO B 43 10.37 16.15 38.03
CA PRO B 43 11.36 15.11 38.29
C PRO B 43 12.00 14.67 36.97
N LYS B 44 13.11 13.97 37.03
CA LYS B 44 13.89 13.73 35.81
C LYS B 44 13.26 12.67 34.92
N ASP B 45 12.53 11.71 35.51
CA ASP B 45 11.82 10.68 34.77
C ASP B 45 10.74 11.35 33.93
N LEU B 46 10.09 12.34 34.55
CA LEU B 46 8.97 13.06 33.95
C LEU B 46 9.39 14.04 32.86
N GLN B 47 10.41 14.85 33.17
CA GLN B 47 11.03 15.70 32.18
C GLN B 47 11.36 14.85 30.95
N ALA B 48 11.90 13.65 31.19
CA ALA B 48 12.25 12.69 30.13
C ALA B 48 11.06 12.31 29.25
N GLU B 49 9.94 11.98 29.90
CA GLU B 49 8.69 11.63 29.26
C GLU B 49 8.25 12.74 28.34
N ALA B 50 8.19 13.94 28.93
CA ALA B 50 7.84 15.19 28.24
C ALA B 50 8.75 15.44 27.05
N LEU B 51 10.05 15.16 27.21
CA LEU B 51 11.04 15.26 26.11
C LEU B 51 10.84 14.20 25.02
N CYS B 52 10.30 13.04 25.39
CA CYS B 52 9.94 12.03 24.40
C CYS B 52 8.67 12.37 23.68
N LYS B 53 7.73 13.01 24.37
CA LYS B 53 6.56 13.58 23.70
C LYS B 53 6.97 14.60 22.64
N LEU B 54 7.92 15.46 22.99
CA LEU B 54 8.51 16.38 22.05
C LEU B 54 9.23 15.71 20.88
N ASP B 55 9.92 14.59 21.14
CA ASP B 55 10.65 13.85 20.12
C ASP B 55 9.67 13.26 19.10
N ARG B 56 8.56 12.71 19.57
CA ARG B 56 7.54 12.18 18.64
C ARG B 56 6.93 13.28 17.76
N ARG B 57 6.84 14.46 18.34
CA ARG B 57 6.34 15.65 17.66
C ARG B 57 7.35 16.21 16.64
N VAL B 58 8.65 16.17 16.94
CA VAL B 58 9.64 16.51 15.91
C VAL B 58 9.61 15.46 14.76
N LYS B 59 9.33 14.20 15.09
CA LYS B 59 9.25 13.14 14.09
C LYS B 59 8.16 13.34 13.06
N ALA B 60 7.03 13.81 13.56
CA ALA B 60 5.91 14.25 12.74
C ALA B 60 6.23 15.50 11.93
N THR B 61 7.05 16.39 12.46
CA THR B 61 7.51 17.60 11.74
C THR B 61 8.46 17.20 10.60
N ILE B 62 9.41 16.32 10.90
CA ILE B 62 10.26 15.77 9.87
C ILE B 62 9.42 15.10 8.80
N GLU B 63 8.51 14.24 9.24
CA GLU B 63 7.62 13.53 8.33
C GLU B 63 6.84 14.45 7.39
N GLN B 64 6.21 15.50 7.94
CA GLN B 64 5.40 16.45 7.16
C GLN B 64 6.24 17.18 6.16
N PHE B 65 7.46 17.59 6.58
CA PHE B 65 8.44 18.18 5.66
C PHE B 65 8.85 17.24 4.48
N MET B 66 9.05 15.96 4.77
CA MET B 66 9.31 14.93 3.78
C MET B 66 8.16 14.74 2.79
N LYS B 67 6.93 14.70 3.27
CA LYS B 67 5.74 14.67 2.38
C LYS B 67 5.61 15.86 1.42
N ILE B 68 5.89 17.07 1.91
CA ILE B 68 6.05 18.26 1.04
C ILE B 68 7.11 18.07 -0.06
N LEU B 69 8.36 17.76 0.37
CA LEU B 69 9.42 17.31 -0.55
C LEU B 69 8.97 16.33 -1.65
N GLU B 70 8.26 15.26 -1.30
CA GLU B 70 7.78 14.28 -2.28
C GLU B 70 6.81 14.87 -3.27
N GLU B 71 6.02 15.81 -2.79
CA GLU B 71 5.06 16.54 -3.65
C GLU B 71 5.68 17.50 -4.71
N ILE B 72 6.69 18.23 -4.26
CA ILE B 72 7.47 19.17 -5.10
C ILE B 72 8.24 18.35 -6.15
N ASP B 73 8.63 17.15 -5.73
CA ASP B 73 9.34 16.15 -6.55
C ASP B 73 8.45 15.59 -7.64
N THR B 74 7.17 15.97 -7.65
CA THR B 74 6.29 15.56 -8.77
C THR B 74 6.30 16.59 -9.91
N LEU B 75 6.78 17.80 -9.64
CA LEU B 75 6.85 18.86 -10.63
C LEU B 75 7.86 18.59 -11.75
N ILE B 76 7.48 18.92 -13.00
CA ILE B 76 8.42 18.98 -14.11
C ILE B 76 8.38 20.38 -14.61
N LEU B 77 9.45 21.14 -14.39
CA LEU B 77 9.53 22.54 -14.78
C LEU B 77 10.50 22.79 -15.95
N PRO B 78 9.96 23.12 -17.15
CA PRO B 78 10.85 23.59 -18.25
C PRO B 78 11.85 24.71 -17.88
N GLU B 79 12.96 24.67 -18.60
CA GLU B 79 14.14 25.48 -18.35
C GLU B 79 13.80 26.97 -18.33
N ASN B 80 12.92 27.32 -19.27
CA ASN B 80 12.43 28.64 -19.43
C ASN B 80 11.32 29.04 -18.40
N PHE B 81 10.82 28.10 -17.58
CA PHE B 81 10.00 28.47 -16.42
C PHE B 81 10.91 28.81 -15.30
N LYS B 82 11.82 29.76 -15.58
CA LYS B 82 12.88 30.20 -14.72
C LYS B 82 12.38 30.59 -13.34
N ASP B 83 11.23 31.28 -13.34
CA ASP B 83 10.59 31.78 -12.14
C ASP B 83 10.10 30.69 -11.23
N SER B 84 9.43 29.67 -11.79
CA SER B 84 9.02 28.55 -10.92
C SER B 84 10.22 27.73 -10.47
N ARG B 85 11.18 27.56 -11.38
CA ARG B 85 12.35 26.72 -11.15
C ARG B 85 13.07 27.27 -9.96
N LEU B 86 13.11 28.58 -9.87
CA LEU B 86 13.86 29.31 -8.85
C LEU B 86 13.08 29.23 -7.52
N LYS B 87 11.77 29.36 -7.59
CA LYS B 87 10.92 29.25 -6.42
C LYS B 87 10.90 27.83 -5.87
N ARG B 88 10.88 26.83 -6.78
CA ARG B 88 11.02 25.40 -6.39
C ARG B 88 12.36 25.12 -5.74
N LYS B 89 13.41 25.73 -6.24
CA LYS B 89 14.73 25.44 -5.68
C LYS B 89 14.88 26.04 -4.26
N GLY B 90 14.35 27.24 -4.05
CA GLY B 90 14.44 27.92 -2.75
C GLY B 90 13.61 27.25 -1.66
N LEU B 91 12.46 26.78 -2.09
CA LEU B 91 11.59 26.02 -1.26
C LEU B 91 12.21 24.70 -0.86
N VAL B 92 12.78 23.95 -1.80
CA VAL B 92 13.47 22.69 -1.38
C VAL B 92 14.60 22.93 -0.33
N LYS B 93 15.46 23.90 -0.61
CA LYS B 93 16.55 24.19 0.24
C LYS B 93 16.09 24.72 1.60
N LYS B 94 14.99 25.50 1.64
CA LYS B 94 14.39 26.01 2.88
C LYS B 94 13.95 24.84 3.74
N VAL B 95 13.15 23.92 3.17
CA VAL B 95 12.76 22.66 3.86
C VAL B 95 13.93 21.88 4.49
N GLN B 96 14.97 21.62 3.69
CA GLN B 96 16.19 20.98 4.12
C GLN B 96 16.99 21.70 5.26
N ALA B 97 17.04 23.05 5.23
CA ALA B 97 17.54 23.79 6.38
C ALA B 97 16.60 23.57 7.57
N PHE B 98 15.27 23.55 7.37
CA PHE B 98 14.31 23.16 8.46
C PHE B 98 14.49 21.73 8.94
N LEU B 99 14.73 20.80 8.02
CA LEU B 99 15.01 19.40 8.35
C LEU B 99 16.26 19.23 9.21
N ALA B 100 17.27 20.03 8.92
CA ALA B 100 18.56 20.03 9.61
C ALA B 100 18.33 20.46 11.03
N GLU B 101 17.59 21.56 11.20
CA GLU B 101 16.98 21.98 12.50
C GLU B 101 16.26 20.91 13.31
N CYS B 102 15.41 20.13 12.65
CA CYS B 102 14.72 19.03 13.34
C CYS B 102 15.69 17.94 13.75
N ASP B 103 16.72 17.70 12.94
CA ASP B 103 17.70 16.72 13.31
C ASP B 103 18.47 17.20 14.52
N THR B 104 18.80 18.48 14.57
CA THR B 104 19.45 19.03 15.76
C THR B 104 18.66 18.82 17.04
N VAL B 105 17.40 19.20 17.07
CA VAL B 105 16.53 18.95 18.22
C VAL B 105 16.42 17.47 18.55
N GLU B 106 16.18 16.66 17.52
CA GLU B 106 15.81 15.26 17.68
C GLU B 106 16.99 14.40 18.11
N GLN B 107 18.17 14.60 17.48
CA GLN B 107 19.42 13.89 17.82
C GLN B 107 19.77 14.05 19.30
N ASN B 108 19.20 15.10 19.88
CA ASN B 108 19.62 15.64 21.17
C ASN B 108 18.61 15.49 22.34
N ILE B 109 17.46 14.85 22.14
CA ILE B 109 16.44 14.83 23.25
C ILE B 109 16.08 13.53 23.92
N CYS B 110 15.63 12.57 23.13
CA CYS B 110 15.08 11.32 23.65
C CYS B 110 15.78 10.15 22.92
N GLN B 111 17.11 10.12 23.11
CA GLN B 111 18.03 9.00 22.77
C GLN B 111 17.60 7.70 23.45
#